data_5I0U
#
_entry.id   5I0U
#
_cell.length_a   57.600
_cell.length_b   57.600
_cell.length_c   122.400
_cell.angle_alpha   90.00
_cell.angle_beta   90.00
_cell.angle_gamma   90.00
#
_symmetry.space_group_name_H-M   'P 43 21 2'
#
loop_
_entity.id
_entity.type
_entity.pdbx_description
1 polymer 'Cysteine dioxygenase type 1'
2 non-polymer 'FE (III) ION'
3 non-polymer D-CYSTEINE
4 water water
#
_entity_poly.entity_id   1
_entity_poly.type   'polypeptide(L)'
_entity_poly.pdbx_seq_one_letter_code
;MERTELLKPRTLADLIRILHELFAGDEVNVEEVQAVLEAYESNPAEWALYAKFDQYRYTRNLVDQGNGKFNLMILCWGEG
HGSSIHDHTDSHCFLKLLQGNLKETLFDWPDKKSNEMIKKSERTLRENQCAYINDSIGLHRVENVSHTEPAVSLHLYSPP
FDT(CSS)HAFDQRTGHKNKVTMTFHSKFGIRTPFTTSGSLENN
;
_entity_poly.pdbx_strand_id   A
#
loop_
_chem_comp.id
_chem_comp.type
_chem_comp.name
_chem_comp.formula
FE non-polymer 'FE (III) ION' 'Fe 3'
#
# COMPACT_ATOMS: atom_id res chain seq x y z
N GLU A 5 -16.42 4.64 -18.03
CA GLU A 5 -16.62 6.09 -17.87
C GLU A 5 -16.06 6.56 -16.54
N LEU A 6 -14.83 7.04 -16.55
CA LEU A 6 -14.11 7.38 -15.33
C LEU A 6 -14.36 8.84 -14.98
N LEU A 7 -15.05 9.08 -13.87
CA LEU A 7 -15.28 10.43 -13.38
C LEU A 7 -14.43 10.69 -12.14
N LYS A 8 -14.21 11.96 -11.84
CA LYS A 8 -13.36 12.29 -10.72
C LYS A 8 -14.09 11.94 -9.42
N PRO A 9 -13.47 11.19 -8.51
CA PRO A 9 -14.13 10.94 -7.23
C PRO A 9 -14.24 12.22 -6.43
N ARG A 10 -15.44 12.51 -5.93
CA ARG A 10 -15.68 13.74 -5.19
C ARG A 10 -15.25 13.65 -3.74
N THR A 11 -15.22 12.44 -3.19
CA THR A 11 -14.98 12.17 -1.79
C THR A 11 -14.42 10.76 -1.73
N LEU A 12 -13.92 10.38 -0.56
CA LEU A 12 -13.46 9.01 -0.36
C LEU A 12 -14.60 8.02 -0.57
N ALA A 13 -15.79 8.34 -0.06
CA ALA A 13 -16.93 7.44 -0.26
C ALA A 13 -17.22 7.27 -1.74
N ASP A 14 -17.16 8.35 -2.50
CA ASP A 14 -17.37 8.27 -3.94
C ASP A 14 -16.28 7.45 -4.61
N LEU A 15 -15.01 7.61 -4.18
CA LEU A 15 -13.94 6.78 -4.71
C LEU A 15 -14.23 5.31 -4.46
N ILE A 16 -14.68 4.97 -3.26
CA ILE A 16 -14.96 3.56 -2.96
C ILE A 16 -16.05 3.03 -3.87
N ARG A 17 -17.10 3.81 -4.08
CA ARG A 17 -18.17 3.39 -4.99
C ARG A 17 -17.62 3.15 -6.39
N ILE A 18 -16.75 4.06 -6.87
CA ILE A 18 -16.15 3.89 -8.18
C ILE A 18 -15.28 2.63 -8.23
N LEU A 19 -14.50 2.38 -7.18
CA LEU A 19 -13.68 1.18 -7.17
C LEU A 19 -14.53 -0.08 -7.24
N HIS A 20 -15.66 -0.12 -6.56
CA HIS A 20 -16.52 -1.29 -6.67
CA HIS A 20 -16.53 -1.29 -6.68
C HIS A 20 -16.95 -1.50 -8.12
N GLU A 21 -17.14 -0.42 -8.87
CA GLU A 21 -17.45 -0.56 -10.29
C GLU A 21 -16.26 -1.09 -11.09
N LEU A 22 -15.07 -0.56 -10.84
CA LEU A 22 -13.88 -0.96 -11.59
C LEU A 22 -13.45 -2.39 -11.30
N PHE A 23 -13.86 -2.94 -10.16
CA PHE A 23 -13.53 -4.31 -9.79
C PHE A 23 -14.72 -5.25 -9.89
N ALA A 24 -15.76 -4.83 -10.58
CA ALA A 24 -16.95 -5.66 -10.67
C ALA A 24 -16.68 -6.93 -11.45
N GLY A 25 -15.73 -6.91 -12.39
CA GLY A 25 -15.41 -8.05 -13.21
C GLY A 25 -14.18 -8.81 -12.70
N ASP A 26 -13.65 -9.66 -13.57
CA ASP A 26 -12.60 -10.60 -13.19
C ASP A 26 -11.19 -10.09 -13.48
N GLU A 27 -11.06 -9.02 -14.24
CA GLU A 27 -9.77 -8.45 -14.58
C GLU A 27 -9.70 -7.04 -14.01
N VAL A 28 -8.55 -6.41 -14.19
CA VAL A 28 -8.24 -5.13 -13.57
C VAL A 28 -7.59 -4.24 -14.62
N ASN A 29 -8.20 -3.10 -14.91
CA ASN A 29 -7.57 -2.11 -15.77
C ASN A 29 -6.71 -1.23 -14.87
N VAL A 30 -5.42 -1.55 -14.83
CA VAL A 30 -4.52 -0.91 -13.88
C VAL A 30 -4.45 0.58 -14.12
N GLU A 31 -4.39 1.00 -15.37
CA GLU A 31 -4.23 2.41 -15.65
C GLU A 31 -5.45 3.21 -15.24
N GLU A 32 -6.65 2.65 -15.39
CA GLU A 32 -7.85 3.33 -14.94
C GLU A 32 -7.91 3.40 -13.42
N VAL A 33 -7.58 2.29 -12.74
CA VAL A 33 -7.61 2.32 -11.28
C VAL A 33 -6.62 3.35 -10.76
N GLN A 34 -5.42 3.36 -11.33
CA GLN A 34 -4.42 4.32 -10.89
CA GLN A 34 -4.42 4.32 -10.89
C GLN A 34 -4.89 5.74 -11.14
N ALA A 35 -5.51 5.98 -12.29
CA ALA A 35 -5.95 7.33 -12.63
C ALA A 35 -7.02 7.82 -11.66
N VAL A 36 -7.97 6.94 -11.29
CA VAL A 36 -9.03 7.39 -10.39
CA VAL A 36 -9.04 7.34 -10.39
C VAL A 36 -8.51 7.60 -8.99
N LEU A 37 -7.56 6.75 -8.54
CA LEU A 37 -6.93 6.99 -7.24
C LEU A 37 -6.21 8.31 -7.24
N GLU A 38 -5.43 8.58 -8.28
CA GLU A 38 -4.73 9.85 -8.36
C GLU A 38 -5.70 11.02 -8.37
N ALA A 39 -6.86 10.87 -9.02
CA ALA A 39 -7.79 11.99 -9.17
C ALA A 39 -8.55 12.31 -7.89
N TYR A 40 -8.66 11.39 -6.94
CA TYR A 40 -9.23 11.72 -5.65
C TYR A 40 -8.28 12.67 -4.92
N GLU A 41 -8.74 13.85 -4.61
CA GLU A 41 -7.95 14.84 -3.87
C GLU A 41 -8.11 14.54 -2.39
N SER A 42 -7.04 14.10 -1.75
CA SER A 42 -7.12 13.72 -0.35
C SER A 42 -7.78 14.80 0.50
N ASN A 43 -8.78 14.39 1.27
CA ASN A 43 -9.48 15.28 2.19
CA ASN A 43 -9.48 15.29 2.20
C ASN A 43 -9.37 14.67 3.58
N PRO A 44 -8.49 15.20 4.43
CA PRO A 44 -8.27 14.56 5.74
C PRO A 44 -9.50 14.26 6.57
N ALA A 45 -10.53 15.10 6.53
CA ALA A 45 -11.70 14.84 7.36
C ALA A 45 -12.37 13.54 6.96
N GLU A 46 -12.25 13.17 5.69
CA GLU A 46 -12.92 11.98 5.18
C GLU A 46 -12.25 10.70 5.65
N TRP A 47 -10.98 10.73 6.01
CA TRP A 47 -10.28 9.51 6.37
C TRP A 47 -9.71 9.54 7.78
N ALA A 48 -10.01 10.60 8.55
CA ALA A 48 -9.51 10.70 9.93
C ALA A 48 -9.86 9.47 10.75
N LEU A 49 -11.05 8.90 10.56
CA LEU A 49 -11.48 7.73 11.30
C LEU A 49 -10.49 6.58 11.19
N TYR A 50 -9.84 6.45 10.05
CA TYR A 50 -8.95 5.33 9.76
C TYR A 50 -7.51 5.61 10.11
N ALA A 51 -7.18 6.86 10.40
CA ALA A 51 -5.78 7.28 10.56
C ALA A 51 -5.35 7.06 12.01
N LYS A 52 -5.20 5.81 12.36
CA LYS A 52 -4.85 5.40 13.72
C LYS A 52 -3.38 5.01 13.71
N PHE A 53 -2.58 5.80 14.37
CA PHE A 53 -1.13 5.58 14.40
C PHE A 53 -0.71 4.74 15.61
N ASP A 54 0.45 4.13 15.49
CA ASP A 54 1.17 3.49 16.59
C ASP A 54 2.53 4.16 16.73
N GLN A 55 2.99 4.27 17.95
CA GLN A 55 4.23 5.00 18.18
C GLN A 55 5.43 4.31 17.53
N TYR A 56 5.41 2.99 17.40
CA TYR A 56 6.62 2.24 17.13
C TYR A 56 6.75 1.73 15.72
N ARG A 57 5.65 1.60 15.00
CA ARG A 57 5.73 1.14 13.62
C ARG A 57 4.48 1.55 12.88
N TYR A 58 4.52 1.40 11.56
CA TYR A 58 3.39 1.79 10.77
C TYR A 58 2.23 0.84 11.02
N THR A 59 1.01 1.34 10.83
CA THR A 59 -0.19 0.57 11.06
C THR A 59 -0.97 0.42 9.76
N ARG A 60 -1.78 -0.63 9.72
N ARG A 60 -1.66 -0.71 9.66
CA ARG A 60 -2.61 -0.99 8.58
CA ARG A 60 -2.62 -0.96 8.61
C ARG A 60 -4.07 -0.97 9.04
C ARG A 60 -4.01 -0.78 9.18
N ASN A 61 -4.87 -0.10 8.42
CA ASN A 61 -6.23 0.18 8.87
C ASN A 61 -7.20 -0.13 7.74
N LEU A 62 -7.96 -1.19 7.90
CA LEU A 62 -8.81 -1.64 6.80
C LEU A 62 -9.98 -0.68 6.62
N VAL A 63 -10.22 -0.25 5.39
CA VAL A 63 -11.30 0.67 5.05
C VAL A 63 -12.46 -0.04 4.39
N ASP A 64 -12.17 -0.92 3.44
CA ASP A 64 -13.22 -1.56 2.67
C ASP A 64 -12.70 -2.91 2.20
N GLN A 65 -13.58 -3.91 2.17
CA GLN A 65 -13.16 -5.21 1.70
C GLN A 65 -13.56 -5.47 0.27
N GLY A 66 -14.05 -4.45 -0.42
N GLY A 66 -14.09 -4.48 -0.43
CA GLY A 66 -14.38 -4.60 -1.79
CA GLY A 66 -14.31 -4.58 -1.86
C GLY A 66 -15.54 -5.56 -1.96
C GLY A 66 -15.15 -5.78 -2.27
N ASN A 67 -15.58 -6.14 -3.15
N ASN A 67 -16.04 -6.22 -1.38
CA ASN A 67 -16.61 -7.14 -3.45
CA ASN A 67 -16.91 -7.37 -1.62
C ASN A 67 -16.04 -8.54 -3.24
C ASN A 67 -16.09 -8.58 -2.05
N GLY A 68 -15.31 -8.72 -2.13
N GLY A 68 -14.86 -8.69 -1.50
CA GLY A 68 -14.30 -9.75 -2.02
CA GLY A 68 -13.95 -9.77 -1.78
C GLY A 68 -13.14 -9.56 -2.96
C GLY A 68 -12.93 -9.50 -2.88
N LYS A 69 -13.13 -8.47 -3.72
CA LYS A 69 -12.25 -8.31 -4.87
C LYS A 69 -10.96 -7.59 -4.53
N PHE A 70 -10.97 -6.81 -3.47
CA PHE A 70 -9.80 -6.04 -3.09
C PHE A 70 -9.86 -5.71 -1.61
N ASN A 71 -8.68 -5.48 -1.03
CA ASN A 71 -8.56 -4.84 0.28
C ASN A 71 -8.19 -3.38 0.03
N LEU A 72 -8.94 -2.46 0.61
CA LEU A 72 -8.59 -1.04 0.61
C LEU A 72 -8.26 -0.67 2.04
N MET A 73 -7.04 -0.17 2.27
CA MET A 73 -6.60 0.09 3.63
C MET A 73 -5.81 1.37 3.66
N ILE A 74 -5.72 1.97 4.84
CA ILE A 74 -4.94 3.17 5.05
C ILE A 74 -3.79 2.80 5.96
N LEU A 75 -2.59 3.15 5.53
CA LEU A 75 -1.39 2.89 6.31
C LEU A 75 -0.91 4.21 6.88
N CYS A 76 -0.55 4.17 8.16
CA CYS A 76 -0.17 5.35 8.92
C CYS A 76 1.25 5.17 9.38
N TRP A 77 2.12 6.04 8.90
CA TRP A 77 3.57 5.93 9.07
C TRP A 77 4.03 7.06 9.97
N GLY A 78 4.42 6.72 11.20
CA GLY A 78 5.07 7.71 12.03
C GLY A 78 6.39 8.14 11.41
N GLU A 79 6.94 9.19 12.00
CA GLU A 79 8.25 9.68 11.59
C GLU A 79 9.28 8.55 11.63
N GLY A 80 9.97 8.32 10.52
CA GLY A 80 10.99 7.30 10.45
C GLY A 80 10.49 5.89 10.31
N HIS A 81 9.18 5.68 10.25
CA HIS A 81 8.68 4.32 10.10
C HIS A 81 8.80 3.84 8.68
N GLY A 82 9.21 2.59 8.52
CA GLY A 82 9.29 1.99 7.22
C GLY A 82 8.95 0.51 7.25
N SER A 83 8.87 -0.04 6.05
CA SER A 83 8.53 -1.43 5.87
C SER A 83 9.79 -2.27 5.64
N SER A 84 9.56 -3.59 5.60
N SER A 84 9.57 -3.59 5.62
CA SER A 84 10.52 -4.52 5.08
CA SER A 84 10.57 -4.51 5.11
C SER A 84 10.62 -4.36 3.55
C SER A 84 10.54 -4.49 3.58
N ILE A 85 11.59 -5.05 2.97
CA ILE A 85 11.53 -5.33 1.53
C ILE A 85 10.54 -6.44 1.37
N HIS A 86 9.58 -6.27 0.47
N HIS A 86 9.45 -6.18 0.60
CA HIS A 86 8.56 -7.28 0.40
CA HIS A 86 8.29 -7.06 0.49
C HIS A 86 7.96 -7.37 -1.00
C HIS A 86 7.99 -7.36 -0.98
N ASP A 87 7.32 -8.50 -1.19
CA ASP A 87 6.56 -8.81 -2.38
C ASP A 87 5.10 -8.51 -2.12
N HIS A 88 4.25 -8.85 -3.10
CA HIS A 88 2.83 -8.56 -3.02
C HIS A 88 1.96 -9.75 -3.40
N THR A 89 2.50 -10.95 -3.24
CA THR A 89 1.68 -12.16 -3.16
C THR A 89 0.80 -12.29 -4.40
N ASP A 90 1.38 -12.04 -5.57
CA ASP A 90 0.71 -12.20 -6.85
C ASP A 90 -0.50 -11.28 -7.01
N SER A 91 -0.53 -10.16 -6.30
CA SER A 91 -1.60 -9.20 -6.40
C SER A 91 -1.13 -7.91 -7.05
N HIS A 92 -2.10 -7.18 -7.60
CA HIS A 92 -1.92 -5.76 -7.90
C HIS A 92 -1.83 -4.98 -6.60
N CYS A 93 -0.98 -3.96 -6.58
CA CYS A 93 -0.88 -3.14 -5.39
C CYS A 93 -0.72 -1.69 -5.78
N PHE A 94 -1.68 -0.88 -5.39
CA PHE A 94 -1.69 0.55 -5.65
C PHE A 94 -1.48 1.29 -4.35
N LEU A 95 -0.69 2.34 -4.39
CA LEU A 95 -0.35 3.09 -3.19
C LEU A 95 -0.51 4.57 -3.51
N LYS A 96 -1.47 5.23 -2.88
CA LYS A 96 -1.72 6.64 -3.08
C LYS A 96 -1.41 7.41 -1.81
N LEU A 97 -0.63 8.46 -1.92
CA LEU A 97 -0.33 9.26 -0.75
C LEU A 97 -1.50 10.15 -0.41
N LEU A 98 -1.94 10.08 0.84
CA LEU A 98 -2.97 10.95 1.38
C LEU A 98 -2.41 12.11 2.17
N GLN A 99 -1.21 11.95 2.76
CA GLN A 99 -0.57 12.98 3.56
C GLN A 99 0.90 12.66 3.62
N GLY A 100 1.74 13.66 3.45
CA GLY A 100 3.16 13.46 3.59
C GLY A 100 3.80 12.89 2.34
N ASN A 101 4.96 12.26 2.52
CA ASN A 101 5.78 11.72 1.45
C ASN A 101 6.30 10.36 1.89
N LEU A 102 6.54 9.47 0.93
CA LEU A 102 7.16 8.19 1.21
C LEU A 102 8.25 7.93 0.18
N LYS A 103 9.33 7.30 0.61
CA LYS A 103 10.37 6.86 -0.29
C LYS A 103 10.13 5.40 -0.65
N GLU A 104 10.09 5.11 -1.93
CA GLU A 104 9.93 3.75 -2.43
C GLU A 104 11.26 3.33 -3.03
N THR A 105 11.81 2.23 -2.54
CA THR A 105 13.02 1.65 -3.10
C THR A 105 12.68 0.32 -3.75
N LEU A 106 13.06 0.15 -5.02
CA LEU A 106 12.77 -1.05 -5.77
C LEU A 106 13.97 -1.99 -5.78
N PHE A 107 13.69 -3.28 -5.70
CA PHE A 107 14.70 -4.32 -5.74
C PHE A 107 14.26 -5.40 -6.72
N ASP A 108 15.23 -6.06 -7.35
CA ASP A 108 14.92 -7.25 -8.12
C ASP A 108 14.71 -8.44 -7.19
N TRP A 109 13.98 -9.42 -7.70
CA TRP A 109 13.91 -10.70 -7.03
C TRP A 109 15.31 -11.28 -6.88
N PRO A 110 15.66 -11.79 -5.72
CA PRO A 110 17.00 -12.35 -5.53
C PRO A 110 17.21 -13.60 -6.36
N ASP A 111 18.48 -13.88 -6.62
CA ASP A 111 18.89 -15.17 -7.16
C ASP A 111 19.04 -16.17 -6.01
N LYS A 112 19.08 -17.46 -6.37
CA LYS A 112 19.28 -18.49 -5.37
C LYS A 112 20.54 -18.24 -4.57
N LYS A 113 21.61 -17.79 -5.23
CA LYS A 113 22.85 -17.48 -4.56
C LYS A 113 22.60 -16.41 -3.49
N SER A 114 23.02 -16.69 -2.27
CA SER A 114 22.86 -15.75 -1.17
C SER A 114 23.80 -14.56 -1.38
N ASN A 115 23.22 -13.42 -1.76
CA ASN A 115 23.99 -12.21 -2.00
C ASN A 115 23.22 -11.02 -1.47
N GLU A 116 23.91 -9.90 -1.35
CA GLU A 116 23.29 -8.65 -0.97
C GLU A 116 22.29 -8.24 -2.03
N MET A 117 21.13 -7.76 -1.59
CA MET A 117 20.13 -7.19 -2.50
C MET A 117 20.48 -5.73 -2.72
N ILE A 118 20.79 -5.35 -3.95
CA ILE A 118 21.16 -3.99 -4.30
CA ILE A 118 21.15 -3.98 -4.29
C ILE A 118 19.96 -3.31 -4.95
N LYS A 119 19.62 -2.11 -4.47
CA LYS A 119 18.48 -1.41 -5.04
C LYS A 119 18.66 -1.17 -6.52
N LYS A 120 17.55 -1.23 -7.26
CA LYS A 120 17.56 -0.90 -8.67
C LYS A 120 17.21 0.56 -8.91
N SER A 121 16.34 1.13 -8.08
CA SER A 121 15.97 2.54 -8.22
C SER A 121 15.27 2.96 -6.94
N GLU A 122 15.09 4.27 -6.81
CA GLU A 122 14.33 4.82 -5.70
C GLU A 122 13.58 6.05 -6.19
N ARG A 123 12.46 6.34 -5.55
CA ARG A 123 11.77 7.57 -5.86
C ARG A 123 11.02 8.06 -4.64
N THR A 124 10.74 9.34 -4.65
CA THR A 124 9.99 10.00 -3.59
C THR A 124 8.56 10.18 -4.08
N LEU A 125 7.62 9.56 -3.37
CA LEU A 125 6.19 9.64 -3.66
C LEU A 125 5.60 10.79 -2.87
N ARG A 126 4.91 11.69 -3.53
CA ARG A 126 4.44 12.90 -2.91
C ARG A 126 2.93 12.88 -2.78
N GLU A 127 2.42 13.82 -1.98
CA GLU A 127 1.00 13.86 -1.68
CA GLU A 127 1.00 13.92 -1.68
C GLU A 127 0.17 13.78 -2.94
N ASN A 128 -0.85 12.95 -2.88
CA ASN A 128 -1.84 12.68 -3.91
C ASN A 128 -1.34 11.82 -5.07
N GLN A 129 -0.04 11.56 -5.15
CA GLN A 129 0.47 10.67 -6.20
C GLN A 129 0.07 9.22 -5.92
N CYS A 130 -0.20 8.46 -6.99
CA CYS A 130 -0.51 7.02 -6.88
C CYS A 130 0.54 6.21 -7.61
N ALA A 131 1.26 5.35 -6.90
CA ALA A 131 2.19 4.40 -7.46
C ALA A 131 1.52 3.03 -7.61
N TYR A 132 2.16 2.18 -8.40
CA TYR A 132 1.68 0.84 -8.64
C TYR A 132 2.85 -0.12 -8.60
N ILE A 133 2.63 -1.29 -8.03
CA ILE A 133 3.64 -2.33 -8.04
C ILE A 133 2.95 -3.67 -8.16
N ASN A 134 3.67 -4.64 -8.73
CA ASN A 134 3.31 -6.04 -8.68
C ASN A 134 4.62 -6.83 -8.71
N ASP A 135 4.51 -8.15 -8.54
CA ASP A 135 5.72 -8.95 -8.44
C ASP A 135 6.54 -8.95 -9.73
N SER A 136 5.91 -8.73 -10.89
CA SER A 136 6.68 -8.68 -12.12
C SER A 136 7.52 -7.42 -12.21
N ILE A 137 7.13 -6.36 -11.51
CA ILE A 137 7.90 -5.13 -11.47
C ILE A 137 9.06 -5.27 -10.52
N GLY A 138 8.85 -5.95 -9.40
CA GLY A 138 9.91 -6.22 -8.47
C GLY A 138 9.40 -6.23 -7.04
N LEU A 139 10.34 -6.14 -6.12
CA LEU A 139 10.10 -6.03 -4.69
C LEU A 139 10.28 -4.57 -4.33
N HIS A 140 9.72 -4.16 -3.19
CA HIS A 140 10.02 -2.80 -2.77
C HIS A 140 10.05 -2.67 -1.25
N ARG A 141 10.65 -1.58 -0.83
N ARG A 141 10.70 -1.60 -0.83
CA ARG A 141 10.57 -1.10 0.55
CA ARG A 141 10.55 -1.06 0.51
C ARG A 141 10.00 0.31 0.51
C ARG A 141 9.84 0.27 0.40
N VAL A 142 9.08 0.61 1.44
CA VAL A 142 8.41 1.91 1.52
C VAL A 142 8.73 2.48 2.89
N GLU A 143 9.15 3.75 2.93
N GLU A 143 9.05 3.76 2.96
CA GLU A 143 9.65 4.38 4.15
CA GLU A 143 9.41 4.28 4.26
C GLU A 143 9.11 5.81 4.26
C GLU A 143 9.22 5.78 4.33
N ASN A 144 8.78 6.21 5.49
CA ASN A 144 8.60 7.62 5.80
C ASN A 144 9.91 8.07 6.39
N VAL A 145 10.71 8.78 5.58
CA VAL A 145 12.02 9.25 6.03
C VAL A 145 11.91 10.57 6.78
N SER A 146 10.72 11.14 6.88
CA SER A 146 10.59 12.41 7.57
C SER A 146 10.88 12.28 9.06
N HIS A 147 11.53 13.30 9.62
CA HIS A 147 11.70 13.43 11.05
C HIS A 147 10.58 14.19 11.72
N THR A 148 9.70 14.83 10.95
CA THR A 148 8.73 15.77 11.49
C THR A 148 7.32 15.55 11.02
N GLU A 149 7.10 14.82 9.94
CA GLU A 149 5.78 14.72 9.35
C GLU A 149 5.33 13.27 9.21
N PRO A 150 4.29 12.85 9.90
N PRO A 150 4.21 12.89 9.83
CA PRO A 150 3.71 11.55 9.61
CA PRO A 150 3.69 11.54 9.63
C PRO A 150 3.32 11.49 8.14
C PRO A 150 3.06 11.46 8.25
N ALA A 151 3.16 10.26 7.64
CA ALA A 151 2.63 10.04 6.32
C ALA A 151 1.43 9.14 6.44
N VAL A 152 0.50 9.29 5.50
CA VAL A 152 -0.69 8.46 5.44
C VAL A 152 -0.86 8.07 3.98
N SER A 153 -1.08 6.78 3.73
CA SER A 153 -1.23 6.30 2.37
C SER A 153 -2.43 5.38 2.28
N LEU A 154 -3.00 5.35 1.10
CA LEU A 154 -4.18 4.56 0.78
C LEU A 154 -3.72 3.46 -0.15
N HIS A 155 -3.93 2.22 0.23
CA HIS A 155 -3.45 1.07 -0.50
C HIS A 155 -4.60 0.20 -0.94
N LEU A 156 -4.52 -0.28 -2.16
CA LEU A 156 -5.52 -1.16 -2.73
C LEU A 156 -4.82 -2.38 -3.27
N TYR A 157 -5.22 -3.55 -2.82
CA TYR A 157 -4.65 -4.81 -3.26
C TYR A 157 -5.73 -5.68 -3.85
N SER A 158 -5.45 -6.23 -5.02
CA SER A 158 -6.39 -7.12 -5.67
C SER A 158 -5.64 -8.25 -6.36
N PRO A 159 -5.98 -9.51 -6.09
CA PRO A 159 -6.90 -9.96 -5.04
C PRO A 159 -6.38 -9.59 -3.65
N PRO A 160 -7.26 -9.61 -2.65
N PRO A 160 -7.25 -9.63 -2.64
CA PRO A 160 -6.79 -9.41 -1.28
CA PRO A 160 -6.78 -9.35 -1.28
C PRO A 160 -5.77 -10.47 -0.92
C PRO A 160 -5.88 -10.47 -0.80
N PHE A 161 -4.86 -10.11 -0.03
CA PHE A 161 -3.92 -11.10 0.51
C PHE A 161 -3.63 -10.75 1.96
N ASP A 162 -3.38 -11.78 2.77
CA ASP A 162 -3.09 -11.55 4.18
C ASP A 162 -1.69 -11.99 4.58
N THR A 163 -0.88 -12.49 3.64
CA THR A 163 0.51 -12.83 3.93
C THR A 163 1.37 -12.35 2.79
N CSS A 164 2.64 -12.14 3.08
CA CSS A 164 3.62 -11.78 2.07
CB CSS A 164 3.64 -10.31 1.69
SG CSS A 164 4.21 -9.30 2.97
SD CSS A 164 2.53 -8.18 3.55
C CSS A 164 4.96 -12.23 2.60
O CSS A 164 5.07 -12.80 3.69
HA CSS A 164 3.38 -12.40 1.14
HB2 CSS A 164 2.61 -10.00 1.37
HB3 CSS A 164 4.36 -10.12 0.85
HD CSS A 164 3.07 -7.46 4.52
N HIS A 165 6.02 -11.98 1.84
CA HIS A 165 7.37 -12.28 2.30
C HIS A 165 8.13 -11.02 2.58
N ALA A 166 8.93 -11.05 3.65
CA ALA A 166 9.95 -10.07 3.91
C ALA A 166 11.28 -10.64 3.47
N PHE A 167 12.11 -9.82 2.85
CA PHE A 167 13.39 -10.26 2.32
C PHE A 167 14.52 -9.63 3.12
N ASP A 168 15.51 -10.44 3.48
CA ASP A 168 16.68 -9.96 4.19
C ASP A 168 17.61 -9.30 3.18
N GLN A 169 17.82 -8.00 3.31
CA GLN A 169 18.61 -7.30 2.32
C GLN A 169 20.03 -7.84 2.22
N ARG A 170 20.54 -8.45 3.29
CA ARG A 170 21.93 -8.94 3.29
C ARG A 170 22.11 -10.21 2.47
N THR A 171 21.06 -11.01 2.29
CA THR A 171 21.17 -12.33 1.70
C THR A 171 20.14 -12.62 0.63
N GLY A 172 19.02 -11.90 0.58
CA GLY A 172 17.92 -12.26 -0.28
C GLY A 172 17.01 -13.34 0.26
N HIS A 173 17.32 -13.90 1.44
CA HIS A 173 16.48 -14.92 2.03
CA HIS A 173 16.47 -14.92 2.01
C HIS A 173 15.14 -14.32 2.44
N LYS A 174 14.08 -15.09 2.27
CA LYS A 174 12.74 -14.56 2.53
C LYS A 174 12.07 -15.35 3.65
N ASN A 175 11.16 -14.68 4.34
N ASN A 175 11.13 -14.68 4.34
CA ASN A 175 10.34 -15.29 5.37
CA ASN A 175 10.36 -15.28 5.41
C ASN A 175 8.92 -14.80 5.20
C ASN A 175 8.93 -14.77 5.32
N LYS A 176 7.98 -15.68 5.48
CA LYS A 176 6.57 -15.36 5.34
C LYS A 176 6.12 -14.60 6.57
N VAL A 177 5.33 -13.55 6.34
N VAL A 177 5.37 -13.53 6.35
CA VAL A 177 4.79 -12.68 7.39
CA VAL A 177 4.78 -12.77 7.43
C VAL A 177 3.30 -12.50 7.15
C VAL A 177 3.29 -12.67 7.15
N THR A 178 2.52 -12.58 8.23
CA THR A 178 1.09 -12.38 8.15
C THR A 178 0.79 -10.92 8.45
N MET A 179 0.04 -10.28 7.54
N MET A 179 0.00 -10.28 7.60
CA MET A 179 -0.51 -8.95 7.76
CA MET A 179 -0.32 -8.86 7.79
C MET A 179 -1.40 -8.99 9.00
C MET A 179 -1.48 -8.74 8.78
N THR A 180 -1.23 -8.01 9.87
CA THR A 180 -2.21 -7.78 10.91
C THR A 180 -2.85 -6.41 10.67
N PHE A 181 -4.17 -6.35 10.83
CA PHE A 181 -4.92 -5.09 10.77
C PHE A 181 -5.00 -4.46 12.16
N HIS A 182 -4.49 -3.22 12.26
CA HIS A 182 -4.58 -2.42 13.45
C HIS A 182 -6.04 -2.01 13.75
N SER A 183 -6.80 -1.81 12.70
CA SER A 183 -8.22 -1.48 12.84
C SER A 183 -8.92 -1.95 11.60
N LYS A 184 -10.24 -2.10 11.72
CA LYS A 184 -11.09 -2.46 10.60
C LYS A 184 -12.33 -1.59 10.70
N PHE A 185 -12.61 -0.85 9.64
CA PHE A 185 -13.82 -0.04 9.55
C PHE A 185 -13.91 0.98 10.69
N GLY A 186 -12.74 1.51 11.07
CA GLY A 186 -12.66 2.52 12.09
C GLY A 186 -12.58 2.00 13.51
N ILE A 187 -12.65 0.68 13.69
CA ILE A 187 -12.67 0.03 15.01
C ILE A 187 -11.31 -0.60 15.26
N ARG A 188 -10.71 -0.28 16.39
CA ARG A 188 -9.43 -0.88 16.76
C ARG A 188 -9.63 -2.37 16.95
N THR A 189 -8.74 -3.17 16.38
CA THR A 189 -8.86 -4.63 16.41
C THR A 189 -7.58 -5.17 17.00
N PRO A 190 -7.44 -5.16 18.33
CA PRO A 190 -6.27 -5.74 19.01
C PRO A 190 -5.98 -7.18 18.58
FE FE B . 4.38 -2.83 -0.70
N DCY C . 0.47 -3.38 2.25
CA DCY C . 1.73 -2.69 2.49
C DCY C . 2.27 -3.14 3.83
O DCY C . 1.49 -3.71 4.64
CB DCY C . 2.74 -3.01 1.39
SG DCY C . 3.28 -1.45 0.63
OXT DCY C . 3.47 -2.96 4.13
H2 DCY C . -0.17 -2.78 2.14
H DCY C . 0.54 -3.87 1.54
HA DCY C . 1.56 -1.73 2.51
HB2 DCY C . 2.32 -3.57 0.72
HB3 DCY C . 3.50 -3.48 1.78
HG DCY C . 4.47 -1.33 0.77
#